data_6XON
#
_entry.id   6XON
#
_cell.length_a   33.444
_cell.length_b   85.610
_cell.length_c   125.164
_cell.angle_alpha   90.000
_cell.angle_beta   90.000
_cell.angle_gamma   90.000
#
_symmetry.space_group_name_H-M   'P 21 21 21'
#
loop_
_entity.id
_entity.type
_entity.pdbx_description
1 polymer 'Lysozyme DCN1-like protein 1 chimera'
2 non-polymer (2S)-N-[(2S)-2-cyclohexyl-2-({N-propanoyl-3-[6-(propan-2-yl)-1,3-benzothiazol-2-yl]-L-alanyl}amino)ethyl]-4-(dimethylamino)-2-methylbutanamide
3 water water
#
_entity_poly.entity_id   1
_entity_poly.type   'polypeptide(L)'
_entity_poly.pdbx_seq_one_letter_code
;MHHHHHHSSGVDLGTENLYFQSNAMNIFEMLRIDEGLRLKIYKDTEGYYTIGIGHLLTKSPSLNAAKSELDKAIGRNTNG
VITKDEAEKLFNQDVDAAVRGILRNAKLKPVYDSLDAVRRAALINMVFQMGETGVAGFTNSLRMLQQKRWAEAAVNLAKS
RWYNQTPNRTKRVITTFATGTWDAYKNLRKKLEQLYNRYKDPQDENKIGIDGIQQFCDDLALDPASISVLIIAWKFRAAT
QCEFSKQEFMDGMTELGCDSIEKLKAQIPKMEQELKEPGRFKDFYQFTFNFAKNPGQKGLDLEMAIAYWNLVLNGRFKFL
DLWNKFLLEHHKRSIPKDTWNLLLDFSTMIADDMSNYDEEGAWPVLIDDFVEFARPQIAGTKSTTV
;
_entity_poly.pdbx_strand_id   A
#
loop_
_chem_comp.id
_chem_comp.type
_chem_comp.name
_chem_comp.formula
H9M non-polymer (2S)-N-[(2S)-2-cyclohexyl-2-({N-propanoyl-3-[6-(propan-2-yl)-1,3-benzothiazol-2-yl]-L-alanyl}amino)ethyl]-4-(dimethylamino)-2-methylbutanamide 'C31 H49 N5 O3 S'
#
# COMPACT_ATOMS: atom_id res chain seq x y z
N ASN A 26 -6.85 12.02 -17.44
CA ASN A 26 -7.99 11.24 -17.96
C ASN A 26 -7.70 9.74 -17.84
N ILE A 27 -6.77 9.22 -18.67
CA ILE A 27 -6.35 7.82 -18.67
C ILE A 27 -5.36 7.59 -17.51
N PHE A 28 -4.48 8.59 -17.25
CA PHE A 28 -3.50 8.57 -16.16
C PHE A 28 -4.19 8.50 -14.79
N GLU A 29 -5.24 9.32 -14.59
CA GLU A 29 -5.99 9.34 -13.34
C GLU A 29 -6.84 8.08 -13.17
N MET A 30 -7.30 7.48 -14.28
CA MET A 30 -8.10 6.25 -14.30
C MET A 30 -7.28 5.07 -13.76
N LEU A 31 -6.05 4.89 -14.28
CA LEU A 31 -5.16 3.81 -13.88
C LEU A 31 -4.41 4.13 -12.58
N ARG A 32 -4.42 5.41 -12.16
CA ARG A 32 -3.83 5.82 -10.89
C ARG A 32 -4.77 5.33 -9.78
N ILE A 33 -6.09 5.32 -10.08
CA ILE A 33 -7.17 4.87 -9.21
C ILE A 33 -7.25 3.33 -9.17
N ASP A 34 -7.12 2.65 -10.33
CA ASP A 34 -7.22 1.20 -10.40
C ASP A 34 -5.94 0.43 -10.05
N GLU A 35 -4.80 0.85 -10.61
CA GLU A 35 -3.53 0.16 -10.44
C GLU A 35 -2.67 0.71 -9.30
N GLY A 36 -2.77 2.02 -9.05
CA GLY A 36 -2.01 2.68 -7.99
C GLY A 36 -0.71 3.31 -8.47
N LEU A 37 -0.27 4.36 -7.76
CA LEU A 37 0.96 5.09 -8.07
C LEU A 37 2.00 4.94 -6.95
N ARG A 38 3.22 4.55 -7.32
CA ARG A 38 4.32 4.37 -6.37
C ARG A 38 5.55 5.13 -6.86
N LEU A 39 5.95 6.17 -6.10
CA LEU A 39 7.09 7.03 -6.43
C LEU A 39 8.47 6.38 -6.22
N LYS A 40 8.52 5.27 -5.45
CA LYS A 40 9.76 4.54 -5.15
C LYS A 40 9.79 3.18 -5.85
N ILE A 41 11.00 2.64 -6.12
CA ILE A 41 11.19 1.33 -6.76
C ILE A 41 10.67 0.21 -5.82
N TYR A 42 9.81 -0.67 -6.34
CA TYR A 42 9.24 -1.80 -5.61
C TYR A 42 9.29 -3.09 -6.45
N LYS A 43 9.03 -4.24 -5.81
CA LYS A 43 9.02 -5.54 -6.50
C LYS A 43 7.61 -6.11 -6.59
N ASP A 44 7.26 -6.67 -7.77
CA ASP A 44 5.95 -7.30 -8.01
C ASP A 44 6.00 -8.80 -7.67
N THR A 45 6.43 -9.67 -8.63
CA THR A 45 6.58 -11.12 -8.47
C THR A 45 7.56 -11.65 -9.53
N TYR A 48 10.04 -8.58 -10.43
CA TYR A 48 10.62 -7.55 -11.28
C TYR A 48 10.61 -6.18 -10.58
N TYR A 49 11.57 -5.30 -10.93
CA TYR A 49 11.70 -3.94 -10.42
C TYR A 49 10.67 -3.04 -11.14
N THR A 50 9.78 -2.41 -10.36
CA THR A 50 8.68 -1.58 -10.84
C THR A 50 8.62 -0.18 -10.19
N ILE A 51 8.06 0.83 -10.91
CA ILE A 51 7.86 2.21 -10.47
C ILE A 51 6.63 2.84 -11.15
N GLY A 52 6.07 3.88 -10.54
CA GLY A 52 4.89 4.60 -11.03
C GLY A 52 3.66 3.71 -11.13
N ILE A 53 2.94 3.81 -12.26
CA ILE A 53 1.77 2.96 -12.53
C ILE A 53 2.25 1.75 -13.32
N GLY A 54 2.77 0.76 -12.58
CA GLY A 54 3.25 -0.51 -13.10
C GLY A 54 4.29 -0.49 -14.20
N HIS A 55 5.20 0.49 -14.19
CA HIS A 55 6.25 0.57 -15.21
C HIS A 55 7.38 -0.40 -14.88
N LEU A 56 7.54 -1.45 -15.70
CA LEU A 56 8.59 -2.46 -15.57
C LEU A 56 9.92 -1.86 -16.01
N LEU A 57 10.92 -1.86 -15.12
CA LEU A 57 12.23 -1.27 -15.40
C LEU A 57 13.22 -2.27 -16.01
N THR A 58 13.44 -3.43 -15.36
CA THR A 58 14.38 -4.48 -15.82
C THR A 58 14.03 -5.87 -15.21
N LYS A 59 15.01 -6.80 -15.24
CA LYS A 59 14.92 -8.16 -14.69
C LYS A 59 16.30 -8.68 -14.28
N SER A 62 18.56 -7.34 -10.34
CA SER A 62 19.61 -6.35 -10.09
C SER A 62 19.04 -4.93 -9.90
N LEU A 63 19.05 -4.46 -8.64
CA LEU A 63 18.55 -3.13 -8.24
C LEU A 63 19.35 -1.99 -8.89
N ASN A 64 20.66 -2.22 -9.17
CA ASN A 64 21.54 -1.27 -9.83
C ASN A 64 21.17 -1.11 -11.31
N ALA A 65 20.69 -2.20 -11.95
CA ALA A 65 20.25 -2.19 -13.34
C ALA A 65 18.95 -1.40 -13.47
N ALA A 66 18.08 -1.51 -12.46
CA ALA A 66 16.79 -0.81 -12.37
C ALA A 66 17.02 0.69 -12.14
N LYS A 67 17.97 1.03 -11.24
CA LYS A 67 18.33 2.42 -10.94
C LYS A 67 18.97 3.06 -12.17
N SER A 68 19.79 2.31 -12.94
CA SER A 68 20.44 2.80 -14.15
C SER A 68 19.45 2.98 -15.29
N GLU A 69 18.50 2.03 -15.45
CA GLU A 69 17.48 2.07 -16.50
C GLU A 69 16.56 3.27 -16.30
N LEU A 70 16.12 3.50 -15.04
CA LEU A 70 15.30 4.63 -14.64
C LEU A 70 16.06 5.94 -14.85
N ASP A 71 17.38 5.97 -14.49
CA ASP A 71 18.27 7.13 -14.67
C ASP A 71 18.33 7.58 -16.12
N LYS A 72 18.42 6.62 -17.05
CA LYS A 72 18.46 6.88 -18.50
C LYS A 72 17.08 7.34 -18.99
N ALA A 73 16.00 6.71 -18.47
CA ALA A 73 14.61 7.01 -18.82
C ALA A 73 14.18 8.43 -18.41
N ILE A 74 14.66 8.90 -17.25
CA ILE A 74 14.34 10.22 -16.70
C ILE A 74 15.36 11.28 -17.15
N GLY A 75 16.65 10.94 -17.14
CA GLY A 75 17.72 11.84 -17.52
C GLY A 75 18.31 12.59 -16.34
N ARG A 76 18.39 11.91 -15.18
CA ARG A 76 18.92 12.41 -13.90
C ARG A 76 19.23 11.26 -12.92
N ASN A 77 19.99 11.55 -11.84
CA ASN A 77 20.31 10.62 -10.78
C ASN A 77 19.08 10.55 -9.86
N THR A 78 18.26 9.50 -10.04
CA THR A 78 16.99 9.32 -9.32
C THR A 78 17.13 8.62 -7.97
N ASN A 79 18.03 7.62 -7.89
CA ASN A 79 18.26 6.74 -6.72
C ASN A 79 16.99 5.94 -6.37
N GLY A 80 16.18 5.68 -7.40
CA GLY A 80 14.93 4.93 -7.30
C GLY A 80 13.74 5.68 -6.77
N VAL A 81 13.78 7.03 -6.77
CA VAL A 81 12.68 7.88 -6.29
C VAL A 81 12.33 8.91 -7.37
N ILE A 82 11.05 8.95 -7.78
CA ILE A 82 10.56 9.87 -8.83
C ILE A 82 9.40 10.76 -8.33
N THR A 83 8.93 11.66 -9.19
CA THR A 83 7.81 12.57 -8.92
C THR A 83 6.58 12.07 -9.68
N LYS A 84 5.41 12.69 -9.44
CA LYS A 84 4.15 12.37 -10.13
C LYS A 84 4.29 12.63 -11.64
N ASP A 85 4.99 13.73 -12.03
CA ASP A 85 5.22 14.13 -13.43
C ASP A 85 6.13 13.15 -14.17
N GLU A 86 7.16 12.66 -13.47
CA GLU A 86 8.12 11.68 -14.00
C GLU A 86 7.44 10.32 -14.16
N ALA A 87 6.43 10.04 -13.29
CA ALA A 87 5.64 8.82 -13.33
C ALA A 87 4.65 8.87 -14.49
N GLU A 88 4.12 10.07 -14.80
CA GLU A 88 3.19 10.30 -15.89
C GLU A 88 3.89 10.17 -17.25
N LYS A 89 5.17 10.59 -17.33
CA LYS A 89 5.99 10.51 -18.54
C LYS A 89 6.19 9.03 -18.92
N LEU A 90 6.50 8.18 -17.92
CA LEU A 90 6.70 6.75 -18.10
C LEU A 90 5.39 6.04 -18.43
N PHE A 91 4.27 6.53 -17.86
CA PHE A 91 2.93 5.99 -18.11
C PHE A 91 2.51 6.27 -19.56
N ASN A 92 2.74 7.51 -20.07
CA ASN A 92 2.40 7.91 -21.44
C ASN A 92 3.14 7.06 -22.46
N GLN A 93 4.38 6.65 -22.14
CA GLN A 93 5.21 5.77 -22.95
C GLN A 93 4.54 4.39 -22.99
N ASP A 94 4.04 3.92 -21.83
CA ASP A 94 3.34 2.63 -21.65
C ASP A 94 2.00 2.59 -22.37
N VAL A 95 1.30 3.75 -22.46
CA VAL A 95 0.01 3.88 -23.17
C VAL A 95 0.27 3.60 -24.65
N ASP A 96 1.28 4.30 -25.24
CA ASP A 96 1.71 4.16 -26.63
C ASP A 96 2.13 2.72 -26.92
N ALA A 97 2.81 2.07 -25.94
CA ALA A 97 3.24 0.68 -26.05
C ALA A 97 2.02 -0.25 -26.04
N ALA A 98 0.99 0.08 -25.23
CA ALA A 98 -0.25 -0.69 -25.13
C ALA A 98 -1.07 -0.54 -26.42
N VAL A 99 -1.21 0.70 -26.96
CA VAL A 99 -1.95 0.97 -28.21
C VAL A 99 -1.29 0.23 -29.38
N ARG A 100 0.06 0.27 -29.47
CA ARG A 100 0.84 -0.44 -30.50
C ARG A 100 0.55 -1.95 -30.43
N GLY A 101 0.60 -2.51 -29.21
CA GLY A 101 0.32 -3.92 -28.93
C GLY A 101 -1.05 -4.39 -29.37
N ILE A 102 -2.12 -3.67 -28.92
CA ILE A 102 -3.53 -3.94 -29.24
C ILE A 102 -3.75 -4.01 -30.77
N LEU A 103 -3.20 -3.02 -31.52
CA LEU A 103 -3.32 -2.93 -32.98
C LEU A 103 -2.64 -4.08 -33.72
N ARG A 104 -1.58 -4.68 -33.13
CA ARG A 104 -0.87 -5.82 -33.70
C ARG A 104 -1.58 -7.15 -33.36
N ASN A 105 -2.63 -7.09 -32.51
CA ASN A 105 -3.40 -8.27 -32.11
C ASN A 105 -4.66 -8.39 -32.96
N ALA A 106 -4.82 -9.56 -33.61
CA ALA A 106 -5.93 -9.90 -34.50
C ALA A 106 -7.30 -9.88 -33.84
N LYS A 107 -7.36 -10.29 -32.57
CA LYS A 107 -8.59 -10.38 -31.79
C LYS A 107 -8.99 -9.06 -31.11
N LEU A 108 -8.05 -8.12 -30.95
CA LEU A 108 -8.30 -6.85 -30.28
C LEU A 108 -8.37 -5.62 -31.20
N LYS A 109 -7.62 -5.61 -32.32
CA LYS A 109 -7.58 -4.50 -33.29
C LYS A 109 -8.98 -4.09 -33.85
N PRO A 110 -9.88 -5.02 -34.32
CA PRO A 110 -11.18 -4.57 -34.84
C PRO A 110 -12.04 -3.83 -33.78
N VAL A 111 -11.97 -4.31 -32.53
CA VAL A 111 -12.70 -3.76 -31.38
C VAL A 111 -12.18 -2.37 -31.02
N TYR A 112 -10.84 -2.20 -30.87
CA TYR A 112 -10.20 -0.91 -30.55
C TYR A 112 -10.59 0.19 -31.53
N ASP A 113 -10.53 -0.11 -32.85
CA ASP A 113 -10.87 0.81 -33.93
C ASP A 113 -12.30 1.32 -33.86
N SER A 114 -13.26 0.42 -33.54
CA SER A 114 -14.68 0.73 -33.44
C SER A 114 -15.05 1.55 -32.21
N LEU A 115 -14.29 1.40 -31.10
CA LEU A 115 -14.56 2.10 -29.84
C LEU A 115 -14.18 3.58 -29.84
N ASP A 116 -14.91 4.38 -29.04
CA ASP A 116 -14.65 5.80 -28.84
C ASP A 116 -13.52 5.99 -27.81
N ALA A 117 -12.99 7.23 -27.68
CA ALA A 117 -11.89 7.61 -26.78
C ALA A 117 -12.02 7.10 -25.33
N VAL A 118 -13.21 7.26 -24.71
CA VAL A 118 -13.46 6.84 -23.33
C VAL A 118 -13.44 5.30 -23.19
N ARG A 119 -14.10 4.57 -24.13
CA ARG A 119 -14.14 3.11 -24.11
C ARG A 119 -12.80 2.47 -24.50
N ARG A 120 -11.98 3.20 -25.31
CA ARG A 120 -10.63 2.77 -25.71
C ARG A 120 -9.75 2.75 -24.47
N ALA A 121 -9.91 3.76 -23.59
CA ALA A 121 -9.19 3.89 -22.31
C ALA A 121 -9.53 2.73 -21.38
N ALA A 122 -10.82 2.29 -21.40
CA ALA A 122 -11.31 1.14 -20.63
C ALA A 122 -10.72 -0.17 -21.18
N LEU A 123 -10.50 -0.25 -22.52
CA LEU A 123 -9.90 -1.42 -23.16
C LEU A 123 -8.40 -1.48 -22.84
N ILE A 124 -7.72 -0.31 -22.83
CA ILE A 124 -6.29 -0.17 -22.49
C ILE A 124 -6.09 -0.61 -21.03
N ASN A 125 -7.05 -0.23 -20.14
CA ASN A 125 -7.07 -0.58 -18.72
C ASN A 125 -7.08 -2.10 -18.53
N MET A 126 -7.79 -2.82 -19.43
CA MET A 126 -7.87 -4.29 -19.40
C MET A 126 -6.51 -4.88 -19.78
N VAL A 127 -5.87 -4.34 -20.85
CA VAL A 127 -4.56 -4.76 -21.36
C VAL A 127 -3.47 -4.53 -20.30
N PHE A 128 -3.53 -3.39 -19.59
CA PHE A 128 -2.60 -3.03 -18.51
C PHE A 128 -2.71 -4.02 -17.34
N GLN A 129 -3.93 -4.53 -17.09
CA GLN A 129 -4.24 -5.44 -16.01
C GLN A 129 -3.88 -6.90 -16.26
N MET A 130 -4.14 -7.43 -17.47
CA MET A 130 -3.94 -8.87 -17.75
C MET A 130 -3.24 -9.22 -19.08
N GLY A 131 -2.78 -8.21 -19.82
CA GLY A 131 -2.12 -8.42 -21.11
C GLY A 131 -3.11 -8.73 -22.22
N GLU A 132 -2.64 -8.72 -23.47
CA GLU A 132 -3.43 -8.98 -24.68
C GLU A 132 -4.15 -10.33 -24.68
N THR A 133 -3.43 -11.42 -24.36
CA THR A 133 -3.96 -12.79 -24.33
C THR A 133 -5.06 -12.98 -23.28
N GLY A 134 -5.00 -12.21 -22.20
CA GLY A 134 -5.99 -12.23 -21.13
C GLY A 134 -7.29 -11.57 -21.53
N VAL A 135 -7.19 -10.44 -22.29
CA VAL A 135 -8.31 -9.66 -22.82
C VAL A 135 -9.00 -10.44 -23.95
N ALA A 136 -8.19 -11.13 -24.80
CA ALA A 136 -8.66 -11.96 -25.92
C ALA A 136 -9.60 -13.10 -25.47
N GLY A 137 -9.52 -13.47 -24.18
CA GLY A 137 -10.35 -14.50 -23.57
C GLY A 137 -11.81 -14.12 -23.43
N PHE A 138 -12.12 -12.80 -23.43
CA PHE A 138 -13.48 -12.26 -23.33
C PHE A 138 -14.05 -12.06 -24.75
N THR A 139 -14.01 -13.12 -25.58
CA THR A 139 -14.45 -13.12 -26.98
C THR A 139 -15.91 -12.66 -27.14
N ASN A 140 -16.84 -13.25 -26.36
CA ASN A 140 -18.27 -12.92 -26.40
C ASN A 140 -18.54 -11.47 -26.01
N SER A 141 -17.85 -10.98 -24.96
CA SER A 141 -17.99 -9.61 -24.46
C SER A 141 -17.43 -8.57 -25.43
N LEU A 142 -16.24 -8.85 -26.04
CA LEU A 142 -15.58 -7.98 -27.02
C LEU A 142 -16.45 -7.82 -28.26
N ARG A 143 -17.08 -8.94 -28.68
CA ARG A 143 -18.00 -9.05 -29.81
C ARG A 143 -19.15 -8.05 -29.64
N MET A 144 -19.77 -8.04 -28.44
CA MET A 144 -20.86 -7.15 -28.06
C MET A 144 -20.42 -5.68 -28.07
N LEU A 145 -19.19 -5.40 -27.57
CA LEU A 145 -18.58 -4.06 -27.53
C LEU A 145 -18.36 -3.54 -28.96
N GLN A 146 -17.89 -4.43 -29.86
CA GLN A 146 -17.65 -4.12 -31.27
C GLN A 146 -18.97 -3.82 -31.99
N GLN A 147 -20.06 -4.49 -31.55
CA GLN A 147 -21.42 -4.34 -32.06
C GLN A 147 -22.20 -3.23 -31.31
N LYS A 148 -21.49 -2.47 -30.46
CA LYS A 148 -21.97 -1.34 -29.66
C LYS A 148 -23.13 -1.68 -28.69
N ARG A 149 -23.31 -2.97 -28.35
CA ARG A 149 -24.34 -3.44 -27.41
C ARG A 149 -23.79 -3.25 -25.99
N TRP A 150 -23.75 -1.97 -25.53
CA TRP A 150 -23.17 -1.53 -24.25
C TRP A 150 -23.75 -2.22 -23.02
N ALA A 151 -25.09 -2.21 -22.87
CA ALA A 151 -25.79 -2.83 -21.74
C ALA A 151 -25.61 -4.35 -21.73
N GLU A 152 -25.63 -4.99 -22.92
CA GLU A 152 -25.45 -6.43 -23.09
C GLU A 152 -24.02 -6.86 -22.74
N ALA A 153 -23.01 -6.03 -23.10
CA ALA A 153 -21.60 -6.30 -22.82
C ALA A 153 -21.31 -6.15 -21.32
N ALA A 154 -21.81 -5.05 -20.71
CA ALA A 154 -21.64 -4.72 -19.29
C ALA A 154 -22.16 -5.80 -18.35
N VAL A 155 -23.25 -6.49 -18.74
CA VAL A 155 -23.88 -7.57 -17.98
C VAL A 155 -22.99 -8.84 -18.06
N ASN A 156 -22.57 -9.22 -19.29
CA ASN A 156 -21.75 -10.39 -19.57
C ASN A 156 -20.35 -10.31 -18.98
N LEU A 157 -19.77 -9.08 -18.89
CA LEU A 157 -18.44 -8.85 -18.34
C LEU A 157 -18.40 -9.05 -16.82
N ALA A 158 -19.54 -8.85 -16.13
CA ALA A 158 -19.68 -8.98 -14.67
C ALA A 158 -19.82 -10.45 -14.23
N LYS A 159 -20.13 -11.35 -15.17
CA LYS A 159 -20.30 -12.79 -14.93
C LYS A 159 -18.96 -13.49 -14.65
N SER A 160 -17.90 -13.03 -15.34
CA SER A 160 -16.54 -13.56 -15.26
C SER A 160 -15.87 -13.43 -13.89
N ARG A 161 -14.76 -14.18 -13.69
CA ARG A 161 -13.92 -14.19 -12.47
C ARG A 161 -13.22 -12.85 -12.23
N TRP A 162 -13.02 -12.05 -13.30
CA TRP A 162 -12.43 -10.71 -13.29
C TRP A 162 -13.21 -9.80 -12.31
N TYR A 163 -14.54 -10.02 -12.23
CA TYR A 163 -15.46 -9.32 -11.33
C TYR A 163 -15.26 -9.75 -9.88
N ASN A 164 -14.99 -11.06 -9.66
CA ASN A 164 -14.75 -11.62 -8.33
C ASN A 164 -13.38 -11.18 -7.79
N GLN A 165 -12.34 -11.21 -8.67
CA GLN A 165 -10.96 -10.83 -8.36
C GLN A 165 -10.83 -9.39 -7.85
N THR A 166 -11.15 -8.41 -8.71
CA THR A 166 -11.09 -6.99 -8.37
C THR A 166 -12.49 -6.38 -8.52
N PRO A 167 -13.40 -6.59 -7.53
CA PRO A 167 -14.78 -6.05 -7.68
C PRO A 167 -14.89 -4.54 -7.82
N ASN A 168 -13.99 -3.78 -7.18
CA ASN A 168 -13.98 -2.32 -7.22
C ASN A 168 -13.48 -1.82 -8.59
N ARG A 169 -12.35 -2.37 -9.08
CA ARG A 169 -11.74 -2.02 -10.36
C ARG A 169 -12.64 -2.41 -11.54
N THR A 170 -13.03 -3.69 -11.62
CA THR A 170 -13.88 -4.26 -12.68
C THR A 170 -15.20 -3.47 -12.84
N LYS A 171 -15.88 -3.13 -11.73
CA LYS A 171 -17.11 -2.34 -11.73
C LYS A 171 -16.90 -0.98 -12.37
N ARG A 172 -15.74 -0.34 -12.10
CA ARG A 172 -15.36 0.97 -12.64
C ARG A 172 -15.10 0.92 -14.15
N VAL A 173 -14.43 -0.16 -14.63
CA VAL A 173 -14.13 -0.38 -16.05
C VAL A 173 -15.40 -0.76 -16.82
N ILE A 174 -16.27 -1.60 -16.22
CA ILE A 174 -17.55 -2.04 -16.81
C ILE A 174 -18.49 -0.84 -17.04
N THR A 175 -18.60 0.06 -16.02
CA THR A 175 -19.42 1.27 -16.06
C THR A 175 -18.95 2.22 -17.17
N THR A 176 -17.61 2.26 -17.42
CA THR A 176 -17.00 3.07 -18.48
C THR A 176 -17.44 2.50 -19.84
N PHE A 177 -17.44 1.16 -19.99
CA PHE A 177 -17.87 0.49 -21.22
C PHE A 177 -19.37 0.65 -21.43
N ALA A 178 -20.16 0.67 -20.34
CA ALA A 178 -21.61 0.78 -20.36
C ALA A 178 -22.13 2.16 -20.75
N THR A 179 -21.42 3.22 -20.34
CA THR A 179 -21.85 4.60 -20.57
C THR A 179 -21.00 5.42 -21.53
N GLY A 180 -19.69 5.18 -21.56
CA GLY A 180 -18.77 5.94 -22.40
C GLY A 180 -18.45 7.26 -21.76
N THR A 181 -18.56 7.31 -20.41
CA THR A 181 -18.29 8.49 -19.59
C THR A 181 -17.29 8.14 -18.47
N TRP A 182 -16.70 9.18 -17.85
CA TRP A 182 -15.75 9.03 -16.76
C TRP A 182 -16.46 9.05 -15.40
N ASP A 183 -17.81 8.95 -15.39
CA ASP A 183 -18.71 8.97 -14.24
C ASP A 183 -18.25 8.09 -13.06
N ALA A 184 -17.87 6.81 -13.33
CA ALA A 184 -17.44 5.87 -12.28
C ALA A 184 -16.22 6.37 -11.49
N TYR A 185 -15.25 6.97 -12.20
CA TYR A 185 -14.02 7.54 -11.64
C TYR A 185 -14.27 8.91 -11.03
N LYS A 186 -15.16 9.71 -11.67
CA LYS A 186 -15.56 11.04 -11.21
C LYS A 186 -16.30 10.93 -9.88
N ASN A 187 -17.33 10.06 -9.81
CA ASN A 187 -18.15 9.83 -8.60
C ASN A 187 -17.29 9.40 -7.41
N LEU A 188 -16.34 8.48 -7.63
CA LEU A 188 -15.44 7.99 -6.60
C LEU A 188 -14.52 9.12 -6.09
N ARG A 189 -13.91 9.91 -7.01
CA ARG A 189 -13.03 11.04 -6.68
C ARG A 189 -13.78 12.09 -5.86
N LYS A 190 -15.04 12.38 -6.26
CA LYS A 190 -15.94 13.33 -5.60
C LYS A 190 -16.32 12.82 -4.21
N LYS A 191 -16.72 11.52 -4.13
CA LYS A 191 -17.09 10.85 -2.88
C LYS A 191 -15.93 10.89 -1.87
N LEU A 192 -14.68 10.76 -2.37
CA LEU A 192 -13.48 10.81 -1.54
C LEU A 192 -13.08 12.23 -1.16
N GLU A 193 -13.05 13.16 -2.14
CA GLU A 193 -12.67 14.56 -1.94
C GLU A 193 -13.63 15.32 -1.02
N GLN A 194 -14.92 14.94 -1.02
CA GLN A 194 -15.96 15.51 -0.15
C GLN A 194 -15.70 15.03 1.29
N LEU A 195 -15.28 13.76 1.42
CA LEU A 195 -14.93 13.11 2.69
C LEU A 195 -13.62 13.68 3.24
N TYR A 196 -12.69 14.04 2.34
CA TYR A 196 -11.39 14.63 2.71
C TYR A 196 -11.55 16.00 3.40
N ASN A 197 -12.51 16.83 2.90
CA ASN A 197 -12.83 18.17 3.42
C ASN A 197 -13.25 18.13 4.90
N ARG A 198 -13.78 16.98 5.34
CA ARG A 198 -14.21 16.75 6.71
C ARG A 198 -13.02 16.61 7.69
N TYR A 199 -11.80 16.30 7.17
CA TYR A 199 -10.61 16.10 7.99
C TYR A 199 -9.43 17.04 7.70
N LYS A 200 -9.45 17.80 6.58
CA LYS A 200 -8.34 18.70 6.21
C LYS A 200 -8.14 19.88 7.18
N ASP A 201 -6.87 20.30 7.36
CA ASP A 201 -6.47 21.40 8.23
C ASP A 201 -6.86 22.77 7.61
N PRO A 202 -7.55 23.66 8.35
CA PRO A 202 -7.93 24.97 7.79
C PRO A 202 -6.75 25.81 7.27
N GLN A 203 -5.56 25.64 7.90
CA GLN A 203 -4.32 26.35 7.55
C GLN A 203 -3.44 25.61 6.51
N ASP A 204 -3.76 24.33 6.20
CA ASP A 204 -3.01 23.51 5.23
C ASP A 204 -3.90 22.51 4.47
N GLU A 205 -4.10 22.79 3.17
CA GLU A 205 -4.90 22.02 2.21
C GLU A 205 -4.39 20.59 1.97
N ASN A 206 -3.08 20.44 1.71
CA ASN A 206 -2.42 19.16 1.41
C ASN A 206 -2.38 18.13 2.56
N LYS A 207 -2.72 18.55 3.81
CA LYS A 207 -2.68 17.62 4.94
C LYS A 207 -3.93 17.65 5.85
N ILE A 208 -4.04 16.61 6.69
CA ILE A 208 -5.06 16.39 7.72
C ILE A 208 -4.33 16.63 9.06
N GLY A 209 -4.75 17.67 9.78
CA GLY A 209 -4.16 18.06 11.06
C GLY A 209 -4.45 17.09 12.19
N ILE A 210 -4.01 17.45 13.40
CA ILE A 210 -4.19 16.68 14.63
C ILE A 210 -5.69 16.46 14.88
N ASP A 211 -6.48 17.55 14.75
CA ASP A 211 -7.94 17.58 14.91
C ASP A 211 -8.66 16.71 13.87
N GLY A 212 -8.13 16.67 12.65
CA GLY A 212 -8.67 15.88 11.57
C GLY A 212 -8.42 14.40 11.75
N ILE A 213 -7.22 14.05 12.30
CA ILE A 213 -6.83 12.66 12.60
C ILE A 213 -7.74 12.17 13.72
N GLN A 214 -8.03 13.07 14.68
CA GLN A 214 -8.90 12.81 15.81
C GLN A 214 -10.31 12.46 15.31
N GLN A 215 -10.86 13.32 14.44
CA GLN A 215 -12.17 13.15 13.81
C GLN A 215 -12.25 11.81 13.07
N PHE A 216 -11.21 11.48 12.28
CA PHE A 216 -11.10 10.23 11.50
C PHE A 216 -11.26 9.00 12.42
N CYS A 217 -10.49 8.97 13.53
CA CYS A 217 -10.53 7.89 14.52
C CYS A 217 -11.85 7.86 15.28
N ASP A 218 -12.46 9.06 15.55
CA ASP A 218 -13.75 9.21 16.23
C ASP A 218 -14.86 8.62 15.36
N ASP A 219 -14.88 9.01 14.07
CA ASP A 219 -15.85 8.54 13.07
C ASP A 219 -15.81 7.03 12.90
N LEU A 220 -14.61 6.44 13.07
CA LEU A 220 -14.37 5.00 13.02
C LEU A 220 -14.52 4.32 14.39
N ALA A 221 -14.96 5.09 15.43
CA ALA A 221 -15.18 4.64 16.81
C ALA A 221 -13.99 3.89 17.41
N LEU A 222 -12.79 4.51 17.33
CA LEU A 222 -11.53 3.94 17.83
C LEU A 222 -10.66 5.00 18.49
N ASP A 223 -9.87 4.60 19.50
CA ASP A 223 -8.94 5.50 20.18
C ASP A 223 -7.73 5.72 19.24
N PRO A 224 -7.30 6.98 18.97
CA PRO A 224 -6.17 7.19 18.05
C PRO A 224 -4.86 6.53 18.45
N ALA A 225 -4.72 6.11 19.72
CA ALA A 225 -3.54 5.45 20.27
C ALA A 225 -3.70 3.91 20.35
N SER A 226 -4.78 3.36 19.74
CA SER A 226 -5.07 1.93 19.75
C SER A 226 -4.38 1.16 18.61
N ILE A 227 -4.29 -0.18 18.77
CA ILE A 227 -3.68 -1.10 17.79
C ILE A 227 -4.39 -1.05 16.42
N SER A 228 -5.74 -0.97 16.42
CA SER A 228 -6.58 -0.94 15.22
C SER A 228 -6.23 0.22 14.28
N VAL A 229 -5.92 1.40 14.85
CA VAL A 229 -5.53 2.61 14.13
C VAL A 229 -4.11 2.42 13.53
N LEU A 230 -3.22 1.71 14.27
CA LEU A 230 -1.87 1.40 13.84
C LEU A 230 -1.90 0.38 12.68
N ILE A 231 -2.87 -0.56 12.72
CA ILE A 231 -3.09 -1.55 11.66
C ILE A 231 -3.56 -0.78 10.41
N ILE A 232 -4.48 0.20 10.60
CA ILE A 232 -4.98 1.05 9.51
C ILE A 232 -3.81 1.79 8.84
N ALA A 233 -2.93 2.43 9.66
CA ALA A 233 -1.73 3.14 9.21
C ALA A 233 -0.79 2.29 8.37
N TRP A 234 -0.71 0.98 8.70
CA TRP A 234 0.10 -0.02 8.00
C TRP A 234 -0.48 -0.29 6.60
N LYS A 235 -1.80 -0.50 6.50
CA LYS A 235 -2.49 -0.73 5.22
C LYS A 235 -2.49 0.53 4.36
N PHE A 236 -2.46 1.72 5.00
CA PHE A 236 -2.44 3.02 4.36
C PHE A 236 -1.02 3.43 3.97
N ARG A 237 -0.01 2.69 4.47
CA ARG A 237 1.42 2.98 4.26
C ARG A 237 1.80 4.40 4.72
N ALA A 238 1.12 4.90 5.77
CA ALA A 238 1.36 6.23 6.35
C ALA A 238 2.80 6.36 6.82
N ALA A 239 3.42 7.51 6.53
CA ALA A 239 4.82 7.74 6.83
C ALA A 239 5.14 7.98 8.31
N THR A 240 4.43 8.93 8.95
CA THR A 240 4.70 9.36 10.32
C THR A 240 3.43 9.57 11.15
N GLN A 241 3.50 9.24 12.45
CA GLN A 241 2.44 9.44 13.43
C GLN A 241 2.13 10.94 13.60
N CYS A 242 0.87 11.29 13.91
CA CYS A 242 0.33 12.66 14.04
C CYS A 242 0.41 13.45 12.72
N GLU A 243 0.49 12.73 11.59
CA GLU A 243 0.55 13.29 10.24
C GLU A 243 -0.19 12.39 9.27
N PHE A 244 -1.06 12.99 8.47
CA PHE A 244 -1.85 12.29 7.45
C PHE A 244 -1.98 13.24 6.26
N SER A 245 -1.42 12.86 5.11
CA SER A 245 -1.44 13.70 3.90
C SER A 245 -2.64 13.37 3.01
N LYS A 246 -2.98 14.30 2.08
CA LYS A 246 -4.06 14.14 1.09
C LYS A 246 -3.78 12.90 0.24
N GLN A 247 -2.52 12.76 -0.21
CA GLN A 247 -2.04 11.63 -0.99
C GLN A 247 -2.30 10.31 -0.24
N GLU A 248 -1.79 10.18 1.01
CA GLU A 248 -1.94 8.99 1.87
C GLU A 248 -3.40 8.59 2.06
N PHE A 249 -4.29 9.59 2.26
CA PHE A 249 -5.73 9.38 2.41
C PHE A 249 -6.32 8.84 1.11
N MET A 250 -6.19 9.61 0.01
CA MET A 250 -6.72 9.27 -1.31
C MET A 250 -6.25 7.91 -1.80
N ASP A 251 -4.93 7.67 -1.77
CA ASP A 251 -4.31 6.42 -2.21
C ASP A 251 -4.77 5.22 -1.38
N GLY A 252 -4.74 5.36 -0.05
CA GLY A 252 -5.14 4.33 0.91
C GLY A 252 -6.59 3.92 0.79
N MET A 253 -7.50 4.91 0.73
CA MET A 253 -8.93 4.71 0.61
C MET A 253 -9.33 4.00 -0.70
N THR A 254 -8.68 4.35 -1.83
CA THR A 254 -8.97 3.76 -3.14
C THR A 254 -8.45 2.32 -3.24
N GLU A 255 -7.20 2.10 -2.76
CA GLU A 255 -6.51 0.81 -2.77
C GLU A 255 -7.28 -0.26 -2.00
N LEU A 256 -7.84 0.10 -0.83
CA LEU A 256 -8.63 -0.80 0.03
C LEU A 256 -10.07 -0.96 -0.47
N GLY A 257 -10.48 -0.11 -1.42
CA GLY A 257 -11.81 -0.11 -2.02
C GLY A 257 -12.86 0.49 -1.12
N CYS A 258 -12.56 1.66 -0.52
CA CYS A 258 -13.44 2.37 0.41
C CYS A 258 -13.75 3.78 -0.05
N ASP A 259 -15.05 4.12 -0.10
CA ASP A 259 -15.57 5.44 -0.47
C ASP A 259 -16.31 6.09 0.72
N SER A 260 -16.33 5.40 1.88
CA SER A 260 -17.00 5.83 3.12
C SER A 260 -16.32 5.23 4.35
N ILE A 261 -16.57 5.83 5.53
CA ILE A 261 -16.03 5.38 6.83
C ILE A 261 -16.59 4.00 7.22
N GLU A 262 -17.85 3.71 6.85
CA GLU A 262 -18.52 2.43 7.10
C GLU A 262 -17.83 1.29 6.34
N LYS A 263 -17.33 1.59 5.13
CA LYS A 263 -16.60 0.63 4.28
C LYS A 263 -15.24 0.26 4.85
N LEU A 264 -14.51 1.26 5.41
CA LEU A 264 -13.20 1.04 6.04
C LEU A 264 -13.35 0.26 7.35
N LYS A 265 -14.46 0.50 8.10
CA LYS A 265 -14.78 -0.19 9.36
C LYS A 265 -15.00 -1.69 9.14
N ALA A 266 -15.61 -2.07 7.99
CA ALA A 266 -15.86 -3.46 7.62
C ALA A 266 -14.56 -4.16 7.17
N GLN A 267 -13.53 -3.37 6.79
CA GLN A 267 -12.23 -3.86 6.32
C GLN A 267 -11.29 -4.24 7.47
N ILE A 268 -11.41 -3.55 8.64
CA ILE A 268 -10.59 -3.76 9.84
C ILE A 268 -10.47 -5.25 10.26
N PRO A 269 -11.56 -6.07 10.37
CA PRO A 269 -11.36 -7.49 10.75
C PRO A 269 -10.45 -8.31 9.84
N LYS A 270 -10.50 -8.06 8.50
CA LYS A 270 -9.64 -8.74 7.52
C LYS A 270 -8.18 -8.32 7.73
N MET A 271 -7.95 -7.02 8.06
CA MET A 271 -6.63 -6.45 8.35
C MET A 271 -6.08 -7.11 9.61
N GLU A 272 -6.93 -7.29 10.65
CA GLU A 272 -6.60 -7.92 11.93
C GLU A 272 -6.17 -9.38 11.72
N GLN A 273 -6.97 -10.17 10.99
CA GLN A 273 -6.73 -11.59 10.71
C GLN A 273 -5.41 -11.86 9.97
N GLU A 274 -4.94 -10.89 9.15
CA GLU A 274 -3.68 -10.95 8.39
C GLU A 274 -2.48 -11.11 9.33
N LEU A 275 -2.53 -10.44 10.51
CA LEU A 275 -1.45 -10.43 11.51
C LEU A 275 -1.23 -11.78 12.19
N LYS A 276 -2.14 -12.73 12.00
CA LYS A 276 -2.03 -14.09 12.56
C LYS A 276 -1.06 -14.93 11.71
N GLU A 277 -0.64 -14.39 10.55
CA GLU A 277 0.33 -14.97 9.63
C GLU A 277 1.68 -14.30 9.94
N PRO A 278 2.72 -15.08 10.35
CA PRO A 278 4.00 -14.47 10.75
C PRO A 278 4.64 -13.49 9.77
N GLY A 279 4.50 -13.76 8.47
CA GLY A 279 5.04 -12.93 7.39
C GLY A 279 4.44 -11.53 7.39
N ARG A 280 3.10 -11.46 7.48
CA ARG A 280 2.38 -10.18 7.51
C ARG A 280 2.63 -9.44 8.82
N PHE A 281 2.81 -10.18 9.93
CA PHE A 281 3.09 -9.54 11.22
C PHE A 281 4.47 -8.88 11.24
N LYS A 282 5.48 -9.52 10.61
CA LYS A 282 6.86 -8.99 10.55
C LYS A 282 6.87 -7.66 9.78
N ASP A 283 6.17 -7.61 8.63
CA ASP A 283 6.02 -6.41 7.79
C ASP A 283 5.38 -5.30 8.61
N PHE A 284 4.34 -5.63 9.39
CA PHE A 284 3.62 -4.70 10.26
C PHE A 284 4.49 -4.20 11.42
N TYR A 285 5.23 -5.12 12.06
CA TYR A 285 6.13 -4.82 13.18
C TYR A 285 7.26 -3.89 12.76
N GLN A 286 7.87 -4.17 11.59
CA GLN A 286 8.96 -3.36 11.03
C GLN A 286 8.44 -1.98 10.62
N PHE A 287 7.23 -1.92 10.02
CA PHE A 287 6.57 -0.67 9.61
C PHE A 287 6.36 0.27 10.81
N THR A 288 5.99 -0.29 11.98
CA THR A 288 5.72 0.41 13.23
C THR A 288 6.89 1.32 13.63
N PHE A 289 8.15 0.83 13.47
CA PHE A 289 9.37 1.58 13.77
C PHE A 289 9.48 2.84 12.92
N ASN A 290 9.30 2.70 11.60
CA ASN A 290 9.34 3.80 10.63
C ASN A 290 8.21 4.81 10.85
N PHE A 291 7.03 4.32 11.28
CA PHE A 291 5.86 5.14 11.55
C PHE A 291 5.99 5.90 12.86
N ALA A 292 6.52 5.25 13.89
CA ALA A 292 6.68 5.82 15.23
C ALA A 292 7.82 6.81 15.36
N LYS A 293 8.90 6.64 14.56
CA LYS A 293 10.07 7.51 14.67
C LYS A 293 9.81 8.93 14.19
N ASN A 294 10.53 9.89 14.81
CA ASN A 294 10.51 11.30 14.45
C ASN A 294 11.18 11.46 13.09
N PRO A 295 10.62 12.26 12.15
CA PRO A 295 11.33 12.46 10.86
C PRO A 295 12.62 13.25 11.12
N GLY A 296 13.72 12.74 10.58
CA GLY A 296 15.05 13.31 10.78
C GLY A 296 15.94 12.48 11.68
N GLN A 297 15.33 11.57 12.48
CA GLN A 297 16.02 10.65 13.39
C GLN A 297 16.14 9.26 12.74
N LYS A 298 17.33 8.61 12.86
CA LYS A 298 17.57 7.27 12.32
C LYS A 298 16.98 6.22 13.27
N GLY A 299 17.03 6.52 14.57
CA GLY A 299 16.54 5.69 15.65
C GLY A 299 15.24 6.19 16.24
N LEU A 300 14.71 5.45 17.23
CA LEU A 300 13.46 5.75 17.92
C LEU A 300 13.70 6.02 19.41
N ASP A 301 13.07 7.08 19.96
CA ASP A 301 13.22 7.42 21.38
C ASP A 301 12.74 6.27 22.25
N LEU A 302 13.48 6.01 23.33
CA LEU A 302 13.22 4.93 24.27
C LEU A 302 11.78 4.89 24.76
N GLU A 303 11.25 6.03 25.26
CA GLU A 303 9.90 6.16 25.79
C GLU A 303 8.84 5.85 24.75
N MET A 304 9.08 6.27 23.50
CA MET A 304 8.19 6.03 22.36
C MET A 304 8.24 4.54 21.95
N ALA A 305 9.45 3.95 21.89
CA ALA A 305 9.69 2.55 21.52
C ALA A 305 8.99 1.56 22.46
N ILE A 306 9.03 1.83 23.78
CA ILE A 306 8.40 1.02 24.82
C ILE A 306 6.87 1.05 24.65
N ALA A 307 6.34 2.26 24.43
CA ALA A 307 4.92 2.55 24.23
C ALA A 307 4.33 1.81 23.05
N TYR A 308 5.12 1.67 21.95
CA TYR A 308 4.72 0.93 20.75
C TYR A 308 4.96 -0.55 20.93
N TRP A 309 5.99 -0.94 21.73
CA TRP A 309 6.30 -2.33 22.04
C TRP A 309 5.20 -2.96 22.88
N ASN A 310 4.62 -2.17 23.81
CA ASN A 310 3.52 -2.62 24.66
C ASN A 310 2.24 -2.78 23.86
N LEU A 311 2.21 -2.14 22.68
CA LEU A 311 1.09 -2.12 21.75
C LEU A 311 1.17 -3.26 20.70
N VAL A 312 2.36 -3.47 20.05
CA VAL A 312 2.56 -4.50 19.01
C VAL A 312 3.05 -5.86 19.56
N LEU A 313 3.86 -5.87 20.65
CA LEU A 313 4.37 -7.14 21.19
C LEU A 313 3.50 -7.69 22.34
N ASN A 314 2.31 -7.09 22.54
CA ASN A 314 1.33 -7.48 23.56
C ASN A 314 0.86 -8.92 23.29
N GLY A 315 1.11 -9.81 24.25
CA GLY A 315 0.77 -11.23 24.15
C GLY A 315 1.57 -11.98 23.11
N ARG A 316 2.86 -11.60 22.96
CA ARG A 316 3.81 -12.18 21.99
C ARG A 316 5.21 -12.27 22.59
N PHE A 317 5.49 -11.43 23.60
CA PHE A 317 6.77 -11.38 24.30
C PHE A 317 6.53 -11.54 25.80
N LYS A 318 6.93 -12.70 26.36
CA LYS A 318 6.77 -13.03 27.78
C LYS A 318 7.58 -12.09 28.66
N PHE A 319 8.78 -11.67 28.18
CA PHE A 319 9.70 -10.80 28.89
C PHE A 319 9.50 -9.30 28.59
N LEU A 320 8.39 -8.93 27.94
CA LEU A 320 8.05 -7.55 27.55
C LEU A 320 8.16 -6.52 28.69
N ASP A 321 7.55 -6.78 29.86
CA ASP A 321 7.65 -5.81 30.97
C ASP A 321 9.05 -5.73 31.57
N LEU A 322 9.72 -6.89 31.73
CA LEU A 322 11.08 -6.99 32.24
C LEU A 322 12.09 -6.34 31.29
N TRP A 323 11.77 -6.34 29.98
CA TRP A 323 12.57 -5.72 28.91
C TRP A 323 12.48 -4.20 29.01
N ASN A 324 11.24 -3.66 29.17
CA ASN A 324 10.96 -2.23 29.32
C ASN A 324 11.62 -1.70 30.58
N LYS A 325 11.47 -2.44 31.71
CA LYS A 325 12.09 -2.11 32.99
C LYS A 325 13.61 -2.07 32.83
N PHE A 326 14.20 -3.07 32.14
CA PHE A 326 15.65 -3.16 31.88
C PHE A 326 16.15 -1.95 31.10
N LEU A 327 15.39 -1.52 30.09
CA LEU A 327 15.76 -0.38 29.25
C LEU A 327 15.72 0.94 30.02
N LEU A 328 14.62 1.21 30.74
CA LEU A 328 14.45 2.44 31.53
C LEU A 328 15.52 2.64 32.62
N GLU A 329 16.18 1.56 33.05
CA GLU A 329 17.19 1.59 34.10
C GLU A 329 18.63 1.47 33.63
N HIS A 330 18.87 0.72 32.54
CA HIS A 330 20.22 0.42 32.07
C HIS A 330 20.53 0.86 30.62
N HIS A 331 19.57 1.53 29.94
CA HIS A 331 19.71 2.04 28.58
C HIS A 331 18.81 3.27 28.38
N LYS A 332 19.28 4.44 28.80
CA LYS A 332 18.51 5.69 28.66
C LYS A 332 18.52 6.23 27.23
N ARG A 333 19.41 5.66 26.37
CA ARG A 333 19.62 6.05 24.96
C ARG A 333 18.49 5.58 24.00
N SER A 334 18.66 5.91 22.69
CA SER A 334 17.73 5.62 21.59
C SER A 334 17.69 4.12 21.20
N ILE A 335 16.76 3.76 20.30
CA ILE A 335 16.56 2.40 19.79
C ILE A 335 16.82 2.32 18.28
N PRO A 336 17.87 1.59 17.83
CA PRO A 336 18.14 1.48 16.38
C PRO A 336 17.18 0.50 15.67
N LYS A 337 17.08 0.61 14.34
CA LYS A 337 16.22 -0.22 13.48
C LYS A 337 16.53 -1.71 13.60
N ASP A 338 17.82 -2.08 13.57
CA ASP A 338 18.28 -3.45 13.70
C ASP A 338 17.88 -4.08 15.02
N THR A 339 18.06 -3.34 16.15
CA THR A 339 17.69 -3.80 17.49
C THR A 339 16.17 -3.99 17.61
N TRP A 340 15.37 -3.11 16.98
CA TRP A 340 13.91 -3.21 16.98
C TRP A 340 13.51 -4.50 16.27
N ASN A 341 13.93 -4.66 14.99
CA ASN A 341 13.64 -5.82 14.15
C ASN A 341 14.05 -7.16 14.75
N LEU A 342 15.22 -7.22 15.38
CA LEU A 342 15.74 -8.47 15.97
C LEU A 342 15.04 -8.88 17.26
N LEU A 343 14.42 -7.93 17.99
CA LEU A 343 13.69 -8.24 19.22
C LEU A 343 12.48 -9.18 18.96
N LEU A 344 11.90 -9.10 17.74
CA LEU A 344 10.80 -9.97 17.31
C LEU A 344 11.36 -11.39 17.14
N ASP A 345 12.52 -11.53 16.44
CA ASP A 345 13.22 -12.80 16.25
C ASP A 345 13.60 -13.37 17.62
N PHE A 346 13.95 -12.49 18.58
CA PHE A 346 14.30 -12.86 19.95
C PHE A 346 13.09 -13.41 20.69
N SER A 347 11.97 -12.66 20.72
CA SER A 347 10.71 -13.04 21.39
C SER A 347 10.21 -14.42 20.96
N THR A 348 10.28 -14.70 19.65
CA THR A 348 9.83 -15.95 19.03
C THR A 348 10.67 -17.15 19.50
N MET A 349 11.99 -16.99 19.49
CA MET A 349 12.97 -18.02 19.80
C MET A 349 13.17 -18.27 21.31
N ILE A 350 13.35 -17.20 22.11
CA ILE A 350 13.70 -17.27 23.54
C ILE A 350 12.75 -18.12 24.41
N ALA A 351 13.33 -19.11 25.09
CA ALA A 351 12.66 -20.02 26.02
C ALA A 351 12.32 -19.25 27.29
N ASP A 352 11.31 -19.73 28.05
CA ASP A 352 10.85 -19.12 29.30
C ASP A 352 11.93 -19.06 30.39
N ASP A 353 12.94 -19.94 30.31
CA ASP A 353 14.05 -19.96 31.25
C ASP A 353 15.35 -19.39 30.64
N MET A 354 15.26 -18.91 29.37
CA MET A 354 16.33 -18.31 28.57
C MET A 354 17.54 -19.25 28.34
N SER A 355 17.32 -20.57 28.40
CA SER A 355 18.37 -21.58 28.25
C SER A 355 18.94 -21.70 26.83
N ASN A 356 18.09 -21.55 25.79
CA ASN A 356 18.50 -21.67 24.39
C ASN A 356 19.28 -20.45 23.84
N TYR A 357 19.47 -19.41 24.66
CA TYR A 357 20.19 -18.20 24.27
C TYR A 357 21.70 -18.42 24.18
N ASP A 358 22.28 -18.10 23.01
CA ASP A 358 23.72 -18.20 22.78
C ASP A 358 24.33 -16.80 23.01
N GLU A 359 24.96 -16.61 24.20
CA GLU A 359 25.59 -15.37 24.65
C GLU A 359 26.61 -14.78 23.65
N GLU A 360 26.98 -15.57 22.63
CA GLU A 360 27.89 -15.22 21.55
C GLU A 360 27.31 -15.82 20.25
N GLY A 361 26.12 -15.32 19.86
CA GLY A 361 25.39 -15.80 18.70
C GLY A 361 24.67 -14.73 17.88
N ALA A 362 25.43 -13.69 17.45
CA ALA A 362 25.01 -12.58 16.57
C ALA A 362 23.94 -11.60 17.12
N TRP A 363 23.30 -11.88 18.29
CA TRP A 363 22.28 -10.98 18.84
C TRP A 363 22.90 -9.63 19.26
N PRO A 364 22.19 -8.48 19.13
CA PRO A 364 22.77 -7.20 19.58
C PRO A 364 23.15 -7.20 21.06
N VAL A 365 24.18 -6.41 21.42
CA VAL A 365 24.70 -6.25 22.78
C VAL A 365 23.59 -5.92 23.79
N LEU A 366 22.64 -5.05 23.41
CA LEU A 366 21.50 -4.69 24.27
C LEU A 366 20.67 -5.93 24.69
N ILE A 367 20.50 -6.89 23.76
CA ILE A 367 19.79 -8.13 24.01
C ILE A 367 20.68 -9.07 24.85
N ASP A 368 22.01 -9.09 24.59
CA ASP A 368 23.00 -9.86 25.37
C ASP A 368 22.92 -9.43 26.84
N ASP A 369 22.99 -8.10 27.08
CA ASP A 369 22.90 -7.46 28.39
C ASP A 369 21.58 -7.78 29.09
N PHE A 370 20.46 -7.84 28.33
CA PHE A 370 19.14 -8.15 28.86
C PHE A 370 19.05 -9.58 29.40
N VAL A 371 19.57 -10.56 28.65
CA VAL A 371 19.57 -11.97 29.06
C VAL A 371 20.45 -12.14 30.32
N GLU A 372 21.61 -11.45 30.37
CA GLU A 372 22.53 -11.45 31.52
C GLU A 372 21.86 -10.85 32.76
N PHE A 373 21.02 -9.82 32.56
CA PHE A 373 20.27 -9.10 33.60
C PHE A 373 19.09 -9.94 34.11
N ALA A 374 18.31 -10.52 33.17
CA ALA A 374 17.10 -11.30 33.44
C ALA A 374 17.32 -12.69 34.02
N ARG A 375 18.33 -13.44 33.53
CA ARG A 375 18.64 -14.82 33.97
C ARG A 375 18.79 -15.00 35.50
N PRO A 376 19.53 -14.16 36.28
CA PRO A 376 19.60 -14.36 37.74
C PRO A 376 18.24 -14.16 38.43
N GLN A 377 17.39 -13.29 37.84
CA GLN A 377 16.03 -12.99 38.29
C GLN A 377 15.06 -14.10 37.81
N ILE A 378 15.55 -15.03 36.95
CA ILE A 378 14.86 -16.18 36.32
C ILE A 378 14.05 -15.69 35.11
S H9M B . -3.49 8.07 14.56
O2 H9M B . -1.89 8.74 19.13
N H9M B . -1.34 9.44 13.85
C7 H9M B . -2.04 9.07 14.88
C6 H9M B . -1.97 8.94 12.68
C5 H9M B . -3.14 8.19 12.89
C4 H9M B . -3.88 7.67 11.83
C3 H9M B . -3.43 7.93 10.52
C2 H9M B . -3.61 6.08 8.86
O1 H9M B . 1.83 13.01 20.01
O H9M B . 0.51 5.90 16.42
C1 H9M B . -4.17 7.42 9.30
C H9M B . -5.68 7.30 9.49
C8 H9M B . -1.78 9.41 16.30
C9 H9M B . -0.88 8.36 16.95
C14 H9M B . 0.68 8.87 20.49
C13 H9M B . -0.85 8.63 18.48
C12 H9M B . -1.03 3.69 17.62
C11 H9M B . -1.42 4.53 16.41
C10 H9M B . -0.69 5.86 16.54
N2 H9M B . 0.41 8.69 19.04
C23 H9M B . 1.53 7.63 20.90
C28 H9M B . 0.60 6.38 20.74
C27 H9M B . 1.25 5.10 21.24
C26 H9M B . 1.55 5.28 22.71
C25 H9M B . 2.59 6.41 22.86
C24 H9M B . 2.02 7.73 22.36
C15 H9M B . 1.31 10.30 20.80
N3 H9M B . 2.18 10.73 19.72
C16 H9M B . 2.35 12.07 19.39
C17 H9M B . 3.23 12.27 18.17
C22 H9M B . 2.51 11.86 16.90
C18 H9M B . 3.95 13.64 18.09
C19 H9M B . 5.45 13.45 18.48
N4 H9M B . 6.03 14.75 18.99
C21 H9M B . 5.58 15.06 20.38
C20 H9M B . 7.52 14.67 18.91
N1 H9M B . -1.44 7.01 16.79
C29 H9M B . -1.50 9.18 11.39
C30 H9M B . -2.24 8.68 10.32
H9 H9M B . -4.77 7.08 12.04
H7 H9M B . -3.99 5.76 7.89
H6 H9M B . -3.85 5.30 9.57
H8 H9M B . -2.52 6.12 8.76
H5 H9M B . -4.00 8.12 8.48
H4 H9M B . -5.96 6.49 10.16
H2 H9M B . -6.17 7.13 8.54
H3 H9M B . -6.10 8.21 9.90
H11 H9M B . -2.74 9.48 16.81
H10 H9M B . -1.34 10.40 16.35
H H9M B . 0.12 8.41 16.52
H1 H9M B . -0.28 8.79 21.00
H16 H9M B . -1.47 2.70 17.59
H17 H9M B . -1.34 4.16 18.56
H15 H9M B . 0.05 3.56 17.67
H14 H9M B . -1.18 3.99 15.49
H13 H9M B . -2.50 4.69 16.37
H18 H9M B . 1.22 8.58 18.44
H34 H9M B . 2.39 7.52 20.25
H44 H9M B . -0.32 6.51 21.29
H43 H9M B . 0.30 6.24 19.71
H42 H9M B . 2.16 4.89 20.68
H41 H9M B . 0.60 4.24 21.07
H39 H9M B . 1.91 4.35 23.15
H40 H9M B . 0.65 5.52 23.27
H37 H9M B . 3.50 6.16 22.31
H38 H9M B . 2.90 6.50 23.89
H36 H9M B . 1.22 8.05 23.03
H35 H9M B . 2.80 8.50 22.46
H20 H9M B . 1.86 10.34 21.74
H19 H9M B . 0.51 11.02 20.95
H21 H9M B . 2.71 10.01 19.25
H33 H9M B . 2.33 10.79 16.92
H32 H9M B . 3.09 12.06 16.00
H23 H9M B . 3.46 14.40 18.69
H22 H9M B . 3.89 14.03 17.07
H25 H9M B . 6.00 13.05 17.63
H24 H9M B . 5.56 12.70 19.26
H31 H9M B . 5.41 14.20 21.03
H29 H9M B . 4.64 15.62 20.36
H30 H9M B . 6.30 15.70 20.88
H27 H9M B . 7.88 13.78 19.42
H28 H9M B . 8.07 15.52 19.32
H26 H9M B . 7.82 14.58 17.86
H12 H9M B . -2.46 6.95 16.86
H45 H9M B . -0.58 9.73 11.24
H46 H9M B . -1.89 8.88 9.31
#